data_2QA6
#
_entry.id   2QA6
#
_cell.length_a   56.014
_cell.length_b   82.942
_cell.length_c   58.577
_cell.angle_alpha   90.000
_cell.angle_beta   109.250
_cell.angle_gamma   90.000
#
_symmetry.space_group_name_H-M   'P 1 21 1'
#
loop_
_entity.id
_entity.type
_entity.pdbx_description
1 polymer 'Estrogen receptor'
2 polymer 'nuclear receptor coactivator 2'
3 non-polymer 4-(6-HYDROXY-1H-INDAZOL-3-YL)BENZENE-1,3-DIOL
4 water water
#
loop_
_entity_poly.entity_id
_entity_poly.type
_entity_poly.pdbx_seq_one_letter_code
_entity_poly.pdbx_strand_id
1 'polypeptide(L)'
;SIKRSKKNSLALSLTADQMVSALLDAEPPILYSEYDPTRPFSEASMMGLLTNLADRELVHMINWAKRVPGFVDLTLHDQV
HLLECAWLEILMIGLVWRSMEHPGKLLFAPNLLLDRNQGKCVEGMVEIFDMLLATSSRFRMMNLQGEEFVCLKSIILLNS
GVYTFLSSTLKSLEEKDHIHRVLDKITDTLIHLMAKAGLTLQQQHQRLAQLLLILSHIRHMSNKGMEHLYSMKCKNVVPL
SDLLLEMLDAHRLHAPTS
;
A,B
2 'polypeptide(L)' KHKILHRLLQDSS C,D
#
loop_
_chem_comp.id
_chem_comp.type
_chem_comp.name
_chem_comp.formula
KN2 non-polymer 4-(6-HYDROXY-1H-INDAZOL-3-YL)BENZENE-1,3-DIOL 'C13 H10 N2 O3'
#
# COMPACT_ATOMS: atom_id res chain seq x y z
N SER A 9 -22.25 17.44 -3.98
CA SER A 9 -23.60 17.15 -3.43
C SER A 9 -24.13 15.86 -4.06
N LEU A 10 -24.62 15.97 -5.30
CA LEU A 10 -25.31 14.86 -6.01
C LEU A 10 -24.55 13.51 -6.07
N ALA A 11 -23.23 13.57 -5.89
CA ALA A 11 -22.38 12.38 -5.74
C ALA A 11 -22.82 11.42 -4.61
N LEU A 12 -23.16 12.00 -3.46
CA LEU A 12 -23.63 11.25 -2.29
C LEU A 12 -25.07 10.72 -2.48
N SER A 13 -25.89 11.45 -3.23
CA SER A 13 -27.30 11.06 -3.52
C SER A 13 -27.41 9.87 -4.50
N LEU A 14 -26.37 9.64 -5.28
CA LEU A 14 -26.36 8.54 -6.25
C LEU A 14 -26.72 7.16 -5.67
N THR A 15 -27.44 6.38 -6.48
CA THR A 15 -27.71 4.99 -6.16
C THR A 15 -26.51 4.15 -6.54
N ALA A 16 -26.45 2.94 -6.00
CA ALA A 16 -25.44 1.96 -6.39
C ALA A 16 -25.34 1.73 -7.92
N ASP A 17 -26.48 1.57 -8.61
CA ASP A 17 -26.48 1.34 -10.08
C ASP A 17 -26.04 2.58 -10.90
N GLN A 18 -26.31 3.76 -10.38
CA GLN A 18 -25.90 5.01 -11.02
C GLN A 18 -24.41 5.34 -10.83
N MET A 19 -23.85 4.92 -9.70
CA MET A 19 -22.41 4.99 -9.48
C MET A 19 -21.64 4.09 -10.46
N VAL A 20 -21.97 2.79 -10.46
CA VAL A 20 -21.48 1.84 -11.46
C VAL A 20 -21.59 2.43 -12.89
N SER A 21 -22.77 2.97 -13.23
CA SER A 21 -23.02 3.53 -14.57
C SER A 21 -22.14 4.74 -14.81
N ALA A 22 -22.03 5.62 -13.82
CA ALA A 22 -21.20 6.83 -13.93
C ALA A 22 -19.78 6.44 -14.27
N LEU A 23 -19.27 5.51 -13.46
CA LEU A 23 -17.91 4.98 -13.62
C LEU A 23 -17.69 4.26 -14.96
N LEU A 24 -18.64 3.41 -15.37
CA LEU A 24 -18.41 2.54 -16.55
C LEU A 24 -18.27 3.32 -17.84
N ASP A 25 -19.02 4.40 -17.98
CA ASP A 25 -18.85 5.26 -19.14
C ASP A 25 -17.97 6.50 -18.93
N ALA A 26 -17.35 6.65 -17.76
CA ALA A 26 -16.24 7.59 -17.65
C ALA A 26 -14.94 6.91 -18.13
N GLU A 27 -14.87 5.57 -18.02
CA GLU A 27 -13.74 4.76 -18.53
C GLU A 27 -13.02 5.32 -19.75
N PRO A 28 -11.70 5.53 -19.63
CA PRO A 28 -11.00 5.99 -20.81
C PRO A 28 -10.89 4.89 -21.83
N PRO A 29 -10.59 5.28 -23.07
CA PRO A 29 -10.34 4.31 -24.11
C PRO A 29 -8.99 3.63 -23.94
N ILE A 30 -8.84 2.49 -24.60
CA ILE A 30 -7.57 1.81 -24.72
C ILE A 30 -6.80 2.43 -25.86
N LEU A 31 -5.55 2.83 -25.58
CA LEU A 31 -4.72 3.47 -26.56
C LEU A 31 -3.77 2.48 -27.20
N TYR A 32 -3.22 2.91 -28.35
CA TYR A 32 -2.30 2.10 -29.14
C TYR A 32 -0.89 2.62 -29.02
N SER A 33 0.07 1.71 -29.14
CA SER A 33 1.49 2.04 -29.13
C SER A 33 1.96 2.60 -30.49
N GLU A 34 2.81 1.84 -31.18
CA GLU A 34 3.47 2.29 -32.42
C GLU A 34 4.38 1.17 -32.94
N TYR A 35 4.53 1.14 -34.25
CA TYR A 35 4.51 -0.13 -34.97
C TYR A 35 5.81 -0.63 -35.63
N ASP A 36 6.40 -1.64 -34.98
CA ASP A 36 7.45 -2.49 -35.56
C ASP A 36 6.95 -3.95 -35.58
N ARG A 39 12.07 -3.00 -35.85
CA ARG A 39 11.72 -4.32 -35.38
C ARG A 39 12.53 -4.72 -34.12
N PRO A 40 13.89 -4.73 -34.22
CA PRO A 40 14.64 -5.00 -32.98
C PRO A 40 14.39 -3.92 -31.92
N PHE A 41 14.30 -4.34 -30.65
CA PHE A 41 14.08 -3.43 -29.53
C PHE A 41 15.36 -3.15 -28.76
N SER A 42 15.81 -1.90 -28.79
CA SER A 42 16.84 -1.44 -27.87
C SER A 42 16.15 -1.05 -26.57
N GLU A 43 16.93 -0.81 -25.52
CA GLU A 43 16.37 -0.24 -24.29
C GLU A 43 15.74 1.13 -24.60
N ALA A 44 16.41 1.94 -25.41
CA ALA A 44 15.94 3.29 -25.75
C ALA A 44 14.58 3.30 -26.46
N SER A 45 14.46 2.48 -27.52
CA SER A 45 13.23 2.41 -28.31
C SER A 45 12.11 1.89 -27.43
N MET A 46 12.42 0.88 -26.63
CA MET A 46 11.46 0.24 -25.73
C MET A 46 10.88 1.19 -24.70
N MET A 47 11.79 1.82 -23.97
CA MET A 47 11.40 2.70 -22.91
C MET A 47 10.76 3.93 -23.52
N GLY A 48 11.08 4.18 -24.77
CA GLY A 48 10.46 5.27 -25.47
C GLY A 48 9.03 4.98 -25.85
N LEU A 49 8.73 3.73 -26.20
CA LEU A 49 7.37 3.36 -26.54
C LEU A 49 6.51 3.32 -25.28
N LEU A 50 7.08 2.96 -24.12
CA LEU A 50 6.26 2.80 -22.93
C LEU A 50 5.94 4.15 -22.34
N THR A 51 6.81 5.13 -22.53
CA THR A 51 6.61 6.41 -21.88
C THR A 51 5.82 7.31 -22.78
N ASN A 52 5.91 7.09 -24.08
CA ASN A 52 5.08 7.82 -25.00
C ASN A 52 3.64 7.46 -24.70
N LEU A 53 3.47 6.17 -24.45
CA LEU A 53 2.19 5.59 -24.10
C LEU A 53 1.67 6.10 -22.77
N ALA A 54 2.49 6.07 -21.73
CA ALA A 54 2.07 6.51 -20.42
C ALA A 54 1.57 7.95 -20.54
N ASP A 55 2.38 8.79 -21.19
CA ASP A 55 2.06 10.20 -21.44
C ASP A 55 0.68 10.45 -22.05
N ARG A 56 0.41 9.86 -23.20
CA ARG A 56 -0.91 10.00 -23.80
C ARG A 56 -1.99 9.55 -22.83
N GLU A 57 -1.77 8.41 -22.16
CA GLU A 57 -2.74 7.87 -21.19
C GLU A 57 -3.05 8.79 -19.98
N LEU A 58 -2.07 9.55 -19.54
CA LEU A 58 -2.25 10.50 -18.47
C LEU A 58 -3.25 11.61 -18.86
N VAL A 59 -3.14 12.09 -20.09
CA VAL A 59 -4.03 13.09 -20.61
C VAL A 59 -5.53 12.65 -20.50
N HIS A 60 -5.79 11.36 -20.81
CA HIS A 60 -7.14 10.81 -20.80
C HIS A 60 -7.57 10.54 -19.37
N MET A 61 -6.62 10.23 -18.52
CA MET A 61 -6.89 9.96 -17.13
C MET A 61 -7.38 11.23 -16.43
N ILE A 62 -6.72 12.35 -16.72
CA ILE A 62 -7.12 13.64 -16.17
C ILE A 62 -8.59 13.90 -16.47
N ASN A 63 -9.02 13.54 -17.68
CA ASN A 63 -10.43 13.62 -18.06
C ASN A 63 -11.32 12.53 -17.44
N TRP A 64 -10.74 11.39 -17.13
CA TRP A 64 -11.50 10.36 -16.43
C TRP A 64 -11.70 10.79 -14.99
N ALA A 65 -10.65 11.25 -14.32
CA ALA A 65 -10.80 11.76 -12.94
C ALA A 65 -11.95 12.77 -12.87
N LYS A 66 -12.00 13.72 -13.78
CA LYS A 66 -13.06 14.73 -13.70
C LYS A 66 -14.48 14.14 -13.77
N ARG A 67 -14.62 12.97 -14.37
CA ARG A 67 -15.94 12.35 -14.52
C ARG A 67 -16.30 11.52 -13.31
N VAL A 68 -15.35 11.31 -12.42
CA VAL A 68 -15.52 10.40 -11.30
C VAL A 68 -16.28 11.08 -10.18
N PRO A 69 -17.47 10.56 -9.86
CA PRO A 69 -18.40 11.29 -8.99
C PRO A 69 -17.80 11.83 -7.70
N GLY A 70 -17.99 13.13 -7.48
CA GLY A 70 -17.54 13.83 -6.27
C GLY A 70 -16.12 14.38 -6.40
N PHE A 71 -15.44 13.94 -7.45
CA PHE A 71 -14.05 14.25 -7.63
C PHE A 71 -13.84 15.70 -7.95
N VAL A 72 -14.72 16.27 -8.78
CA VAL A 72 -14.59 17.70 -9.12
C VAL A 72 -15.16 18.62 -8.03
N ASP A 73 -15.78 18.02 -7.03
CA ASP A 73 -16.28 18.79 -5.87
C ASP A 73 -15.11 19.34 -5.03
N LEU A 74 -13.98 18.64 -5.09
CA LEU A 74 -12.71 18.99 -4.44
C LEU A 74 -12.03 20.19 -5.10
N THR A 75 -11.26 20.95 -4.31
CA THR A 75 -10.50 22.08 -4.83
C THR A 75 -9.47 21.63 -5.85
N LEU A 76 -9.13 22.57 -6.73
CA LEU A 76 -8.11 22.38 -7.77
C LEU A 76 -6.85 21.71 -7.18
N HIS A 77 -6.37 22.24 -6.05
CA HIS A 77 -5.15 21.83 -5.36
C HIS A 77 -5.27 20.42 -4.84
N ASP A 78 -6.45 20.06 -4.36
CA ASP A 78 -6.66 18.73 -3.83
C ASP A 78 -6.83 17.66 -4.95
N GLN A 79 -7.47 18.01 -6.05
CA GLN A 79 -7.55 17.11 -7.21
C GLN A 79 -6.16 16.92 -7.79
N VAL A 80 -5.42 18.03 -7.85
CA VAL A 80 -4.01 17.98 -8.31
C VAL A 80 -3.23 16.93 -7.52
N HIS A 81 -3.16 17.16 -6.19
CA HIS A 81 -2.51 16.27 -5.21
C HIS A 81 -2.91 14.80 -5.35
N LEU A 82 -4.20 14.55 -5.59
CA LEU A 82 -4.73 13.21 -5.69
C LEU A 82 -4.26 12.44 -6.94
N LEU A 83 -4.15 13.15 -8.07
CA LEU A 83 -3.59 12.59 -9.31
C LEU A 83 -2.08 12.44 -9.21
N GLU A 84 -1.44 13.46 -8.65
CA GLU A 84 -0.02 13.36 -8.31
C GLU A 84 0.33 12.08 -7.57
N CYS A 85 -0.46 11.69 -6.56
CA CYS A 85 -0.19 10.46 -5.81
C CYS A 85 -0.66 9.23 -6.56
N ALA A 86 -1.76 9.35 -7.28
CA ALA A 86 -2.48 8.19 -7.76
C ALA A 86 -2.06 7.68 -9.14
N TRP A 87 -1.25 8.45 -9.85
CA TRP A 87 -1.24 8.33 -11.27
C TRP A 87 -0.67 7.04 -11.78
N LEU A 88 0.46 6.60 -11.25
CA LEU A 88 1.08 5.39 -11.75
C LEU A 88 0.36 4.13 -11.32
N GLU A 89 -0.24 4.15 -10.12
CA GLU A 89 -1.13 3.10 -9.63
C GLU A 89 -2.29 2.95 -10.58
N ILE A 90 -2.93 4.09 -10.89
CA ILE A 90 -4.03 4.06 -11.86
C ILE A 90 -3.58 3.48 -13.20
N LEU A 91 -2.41 3.87 -13.67
CA LEU A 91 -1.91 3.32 -14.92
C LEU A 91 -1.71 1.82 -14.81
N MET A 92 -1.16 1.41 -13.67
CA MET A 92 -0.85 0.03 -13.39
C MET A 92 -2.05 -0.88 -13.26
N ILE A 93 -3.09 -0.46 -12.53
CA ILE A 93 -4.27 -1.32 -12.38
C ILE A 93 -4.97 -1.50 -13.73
N GLY A 94 -4.99 -0.45 -14.55
CA GLY A 94 -5.49 -0.54 -15.92
C GLY A 94 -4.72 -1.54 -16.75
N LEU A 95 -3.37 -1.51 -16.63
CA LEU A 95 -2.50 -2.48 -17.33
C LEU A 95 -2.76 -3.92 -16.90
N VAL A 96 -2.73 -4.17 -15.58
CA VAL A 96 -3.05 -5.50 -14.98
C VAL A 96 -4.44 -5.94 -15.38
N TRP A 97 -5.41 -5.04 -15.28
CA TRP A 97 -6.74 -5.38 -15.77
C TRP A 97 -6.73 -5.80 -17.25
N ARG A 98 -6.09 -5.03 -18.13
CA ARG A 98 -6.11 -5.35 -19.59
C ARG A 98 -5.40 -6.65 -19.93
N SER A 99 -4.54 -7.08 -19.04
CA SER A 99 -3.71 -8.23 -19.25
C SER A 99 -4.31 -9.52 -18.64
N MET A 100 -5.48 -9.41 -18.03
CA MET A 100 -6.06 -10.54 -17.31
C MET A 100 -6.11 -11.75 -18.21
N GLU A 101 -6.68 -11.53 -19.38
CA GLU A 101 -7.01 -12.58 -20.27
C GLU A 101 -5.78 -13.13 -21.03
N HIS A 102 -4.59 -12.58 -20.78
CA HIS A 102 -3.35 -13.05 -21.42
C HIS A 102 -2.27 -13.50 -20.42
N PRO A 103 -2.30 -14.78 -20.00
CA PRO A 103 -1.30 -15.27 -19.06
C PRO A 103 0.10 -15.15 -19.60
N GLY A 104 0.91 -14.36 -18.89
CA GLY A 104 2.35 -14.31 -19.09
C GLY A 104 2.82 -13.09 -19.85
N LYS A 105 1.88 -12.23 -20.20
CA LYS A 105 2.20 -11.13 -21.08
C LYS A 105 1.56 -9.94 -20.49
N LEU A 106 2.15 -8.78 -20.71
CA LEU A 106 1.56 -7.51 -20.30
C LEU A 106 1.07 -6.71 -21.53
N LEU A 107 -0.24 -6.54 -21.63
CA LEU A 107 -0.86 -5.84 -22.77
C LEU A 107 -0.92 -4.33 -22.45
N PHE A 108 0.22 -3.70 -22.73
CA PHE A 108 0.36 -2.28 -22.59
C PHE A 108 -0.56 -1.58 -23.58
N ALA A 109 -0.58 -2.11 -24.78
CA ALA A 109 -1.38 -1.60 -25.88
C ALA A 109 -1.76 -2.82 -26.71
N PRO A 110 -2.87 -2.75 -27.46
CA PRO A 110 -3.21 -3.90 -28.31
C PRO A 110 -2.08 -4.34 -29.22
N ASN A 111 -1.28 -3.39 -29.70
CA ASN A 111 -0.09 -3.70 -30.53
C ASN A 111 1.20 -3.80 -29.74
N LEU A 112 1.14 -3.57 -28.43
CA LEU A 112 2.29 -3.69 -27.55
C LEU A 112 1.94 -4.67 -26.42
N LEU A 113 2.07 -5.94 -26.74
CA LEU A 113 1.87 -7.02 -25.78
C LEU A 113 3.22 -7.66 -25.54
N LEU A 114 3.73 -7.51 -24.33
CA LEU A 114 5.09 -7.87 -23.98
C LEU A 114 5.06 -9.00 -22.97
N ASP A 115 5.97 -9.97 -23.13
CA ASP A 115 6.11 -11.07 -22.16
C ASP A 115 7.38 -10.90 -21.31
N ARG A 116 7.37 -11.52 -20.12
CA ARG A 116 8.49 -11.42 -19.17
C ARG A 116 9.88 -11.31 -19.84
N ASN A 117 10.23 -12.26 -20.68
CA ASN A 117 11.54 -12.20 -21.35
C ASN A 117 11.85 -10.82 -21.99
N GLN A 118 10.81 -10.11 -22.46
CA GLN A 118 10.98 -8.81 -23.14
C GLN A 118 11.23 -7.67 -22.18
N GLY A 119 10.86 -7.85 -20.92
CA GLY A 119 11.13 -6.86 -19.88
C GLY A 119 12.57 -6.86 -19.41
N LYS A 120 13.34 -7.84 -19.87
CA LYS A 120 14.77 -7.85 -19.63
C LYS A 120 15.50 -6.99 -20.70
N CYS A 121 14.76 -6.40 -21.63
CA CYS A 121 15.31 -5.38 -22.55
C CYS A 121 15.67 -4.08 -21.80
N VAL A 122 14.92 -3.80 -20.73
CA VAL A 122 15.13 -2.61 -19.89
C VAL A 122 15.65 -3.01 -18.51
N GLU A 123 16.78 -2.41 -18.09
CA GLU A 123 17.42 -2.76 -16.83
C GLU A 123 16.49 -2.42 -15.67
N GLY A 124 16.27 -3.39 -14.79
CA GLY A 124 15.56 -3.15 -13.57
C GLY A 124 14.07 -3.40 -13.64
N MET A 125 13.48 -3.43 -14.84
CA MET A 125 12.04 -3.54 -14.85
C MET A 125 11.47 -4.94 -14.91
N VAL A 126 12.33 -5.94 -14.89
CA VAL A 126 11.87 -7.33 -14.85
C VAL A 126 11.18 -7.68 -13.54
N GLU A 127 11.74 -7.24 -12.41
CA GLU A 127 11.12 -7.46 -11.10
C GLU A 127 9.72 -6.89 -11.04
N ILE A 128 9.61 -5.63 -11.47
CA ILE A 128 8.35 -4.91 -11.56
C ILE A 128 7.38 -5.60 -12.54
N PHE A 129 7.87 -5.94 -13.70
CA PHE A 129 7.12 -6.82 -14.60
C PHE A 129 6.46 -8.02 -13.88
N ASP A 130 7.28 -8.83 -13.19
CA ASP A 130 6.76 -9.95 -12.40
C ASP A 130 5.63 -9.55 -11.43
N MET A 131 5.82 -8.48 -10.70
CA MET A 131 4.78 -8.04 -9.80
C MET A 131 3.47 -7.74 -10.53
N LEU A 132 3.58 -7.00 -11.63
CA LEU A 132 2.42 -6.70 -12.49
C LEU A 132 1.82 -8.01 -13.00
N LEU A 133 2.64 -8.99 -13.31
CA LEU A 133 2.13 -10.26 -13.74
C LEU A 133 1.34 -10.90 -12.60
N ALA A 134 1.99 -10.99 -11.43
CA ALA A 134 1.38 -11.62 -10.27
C ALA A 134 0.00 -11.02 -10.06
N THR A 135 -0.11 -9.67 -9.93
CA THR A 135 -1.40 -8.94 -9.77
C THR A 135 -2.47 -9.33 -10.81
N SER A 136 -2.13 -9.21 -12.08
CA SER A 136 -2.99 -9.71 -13.13
C SER A 136 -3.41 -11.16 -12.85
N SER A 137 -2.47 -12.03 -12.49
CA SER A 137 -2.81 -13.45 -12.24
C SER A 137 -3.79 -13.61 -11.07
N ARG A 138 -3.66 -12.69 -10.10
CA ARG A 138 -4.46 -12.71 -8.92
C ARG A 138 -5.86 -12.26 -9.30
N PHE A 139 -5.93 -11.27 -10.19
CA PHE A 139 -7.20 -10.73 -10.63
C PHE A 139 -7.93 -11.76 -11.34
N ARG A 140 -7.18 -12.54 -12.11
CA ARG A 140 -7.71 -13.64 -12.89
C ARG A 140 -8.25 -14.70 -11.94
N MET A 141 -7.48 -15.00 -10.90
CA MET A 141 -7.83 -16.02 -9.92
C MET A 141 -9.17 -15.71 -9.25
N MET A 142 -9.40 -14.43 -8.92
CA MET A 142 -10.65 -13.93 -8.30
C MET A 142 -11.81 -13.76 -9.29
N ASN A 143 -11.54 -14.02 -10.56
CA ASN A 143 -12.44 -13.66 -11.63
C ASN A 143 -13.02 -12.25 -11.41
N LEU A 144 -12.12 -11.27 -11.37
CA LEU A 144 -12.52 -9.87 -11.17
C LEU A 144 -13.44 -9.44 -12.33
N GLN A 145 -14.44 -8.63 -11.98
CA GLN A 145 -15.47 -8.19 -12.92
C GLN A 145 -15.17 -6.78 -13.29
N GLY A 146 -15.55 -6.37 -14.49
CA GLY A 146 -15.37 -5.00 -14.97
C GLY A 146 -15.94 -3.93 -14.04
N GLU A 147 -17.12 -4.19 -13.50
CA GLU A 147 -17.73 -3.27 -12.53
C GLU A 147 -17.02 -3.18 -11.18
N GLU A 148 -16.33 -4.24 -10.75
CA GLU A 148 -15.48 -4.15 -9.56
C GLU A 148 -14.20 -3.42 -9.90
N PHE A 149 -13.76 -3.57 -11.13
CA PHE A 149 -12.56 -2.93 -11.59
C PHE A 149 -12.72 -1.40 -11.62
N VAL A 150 -13.79 -0.90 -12.18
CA VAL A 150 -13.96 0.55 -12.23
C VAL A 150 -14.05 1.15 -10.83
N CYS A 151 -14.65 0.42 -9.89
CA CYS A 151 -14.74 0.86 -8.49
C CYS A 151 -13.37 0.82 -7.83
N LEU A 152 -12.64 -0.27 -8.06
CA LEU A 152 -11.31 -0.33 -7.48
C LEU A 152 -10.51 0.88 -7.89
N LYS A 153 -10.62 1.17 -9.19
CA LYS A 153 -9.85 2.26 -9.74
C LYS A 153 -10.22 3.64 -9.14
N SER A 154 -11.50 3.87 -8.83
CA SER A 154 -11.87 5.11 -8.15
C SER A 154 -11.41 5.16 -6.71
N ILE A 155 -11.39 4.00 -6.04
CA ILE A 155 -10.96 3.96 -4.66
C ILE A 155 -9.51 4.43 -4.56
N ILE A 156 -8.68 3.96 -5.49
CA ILE A 156 -7.30 4.39 -5.65
C ILE A 156 -7.17 5.96 -5.86
N LEU A 157 -7.89 6.52 -6.82
CA LEU A 157 -7.83 7.97 -7.03
C LEU A 157 -8.06 8.77 -5.72
N LEU A 158 -9.09 8.38 -4.99
CA LEU A 158 -9.57 9.10 -3.84
C LEU A 158 -8.86 8.72 -2.57
N ASN A 159 -8.44 7.47 -2.47
CA ASN A 159 -7.77 7.00 -1.25
C ASN A 159 -6.29 7.33 -1.16
N SER A 160 -5.64 7.44 -2.31
CA SER A 160 -4.19 7.34 -2.29
C SER A 160 -3.52 8.60 -1.83
N GLY A 161 -4.13 9.74 -2.11
CA GLY A 161 -3.57 10.99 -1.62
C GLY A 161 -4.21 11.53 -0.36
N VAL A 162 -5.24 10.87 0.18
CA VAL A 162 -6.14 11.52 1.19
C VAL A 162 -5.53 11.76 2.60
N TYR A 163 -4.53 10.96 2.99
CA TYR A 163 -3.85 11.06 4.31
C TYR A 163 -2.73 12.09 4.26
N THR A 164 -2.17 12.26 3.07
CA THR A 164 -1.17 13.27 2.80
C THR A 164 -1.80 14.66 2.56
N PHE A 165 -3.09 14.85 2.91
CA PHE A 165 -3.68 16.20 3.09
C PHE A 165 -3.44 16.66 4.52
N LEU A 166 -2.40 17.46 4.72
CA LEU A 166 -1.97 17.74 6.08
C LEU A 166 -2.50 19.02 6.68
N SER A 167 -3.11 19.89 5.85
CA SER A 167 -3.61 21.17 6.36
C SER A 167 -4.68 20.95 7.43
N SER A 168 -4.63 21.76 8.49
CA SER A 168 -5.59 21.67 9.58
C SER A 168 -6.56 22.86 9.54
N THR A 169 -6.92 23.28 8.33
CA THR A 169 -7.94 24.34 8.17
C THR A 169 -9.34 23.72 8.18
N LEU A 170 -10.34 24.57 8.42
CA LEU A 170 -11.73 24.10 8.44
C LEU A 170 -12.12 23.57 7.07
N LYS A 171 -11.78 24.35 6.04
CA LYS A 171 -12.08 24.03 4.65
C LYS A 171 -11.48 22.69 4.22
N SER A 172 -10.36 22.30 4.84
CA SER A 172 -9.66 21.04 4.49
C SER A 172 -10.14 19.78 5.23
N LEU A 173 -10.78 19.95 6.40
CA LEU A 173 -11.30 18.78 7.16
C LEU A 173 -12.55 18.18 6.53
N GLU A 174 -13.45 19.06 6.09
CA GLU A 174 -14.69 18.67 5.42
C GLU A 174 -14.42 18.21 3.99
N GLU A 175 -13.23 18.53 3.50
CA GLU A 175 -12.71 18.04 2.23
C GLU A 175 -12.39 16.55 2.32
N LYS A 176 -11.64 16.20 3.38
CA LYS A 176 -11.31 14.81 3.72
C LYS A 176 -12.56 14.00 4.01
N ASP A 177 -13.45 14.53 4.84
CA ASP A 177 -14.72 13.88 5.14
C ASP A 177 -15.54 13.62 3.86
N HIS A 178 -15.49 14.55 2.91
CA HIS A 178 -16.20 14.36 1.66
C HIS A 178 -15.59 13.20 0.88
N ILE A 179 -14.27 13.23 0.75
CA ILE A 179 -13.57 12.13 0.10
C ILE A 179 -13.84 10.83 0.85
N HIS A 180 -13.95 10.93 2.18
CA HIS A 180 -14.27 9.78 3.00
C HIS A 180 -15.72 9.31 2.84
N ARG A 181 -16.63 10.25 2.55
CA ARG A 181 -18.01 9.88 2.25
C ARG A 181 -18.13 9.31 0.83
N VAL A 182 -17.47 9.91 -0.15
CA VAL A 182 -17.48 9.30 -1.48
C VAL A 182 -16.95 7.85 -1.41
N LEU A 183 -15.86 7.65 -0.71
CA LEU A 183 -15.23 6.36 -0.67
C LEU A 183 -16.16 5.30 -0.05
N ASP A 184 -16.94 5.73 0.95
CA ASP A 184 -18.01 4.89 1.53
C ASP A 184 -19.09 4.47 0.48
N LYS A 185 -19.52 5.40 -0.39
CA LYS A 185 -20.44 5.02 -1.47
C LYS A 185 -19.83 3.95 -2.37
N ILE A 186 -18.56 4.13 -2.73
CA ILE A 186 -17.92 3.22 -3.68
C ILE A 186 -17.81 1.82 -3.01
N THR A 187 -17.63 1.83 -1.68
CA THR A 187 -17.67 0.59 -0.89
C THR A 187 -19.06 -0.01 -0.93
N ASP A 188 -20.07 0.81 -0.66
CA ASP A 188 -21.45 0.36 -0.76
C ASP A 188 -21.73 -0.34 -2.12
N THR A 189 -21.11 0.17 -3.18
CA THR A 189 -21.40 -0.29 -4.52
C THR A 189 -20.74 -1.62 -4.84
N LEU A 190 -19.49 -1.74 -4.46
CA LEU A 190 -18.76 -2.98 -4.56
C LEU A 190 -19.54 -4.10 -3.92
N ILE A 191 -20.04 -3.82 -2.70
CA ILE A 191 -20.84 -4.78 -1.95
C ILE A 191 -22.14 -5.01 -2.71
N HIS A 192 -22.68 -3.97 -3.31
CA HIS A 192 -23.91 -4.14 -4.05
C HIS A 192 -23.64 -5.13 -5.18
N LEU A 193 -22.50 -4.98 -5.85
CA LEU A 193 -22.15 -5.84 -6.98
C LEU A 193 -22.06 -7.30 -6.60
N MET A 194 -21.40 -7.56 -5.50
CA MET A 194 -21.24 -8.91 -4.96
C MET A 194 -22.56 -9.52 -4.47
N ALA A 195 -23.45 -8.69 -3.93
CA ALA A 195 -24.78 -9.19 -3.49
C ALA A 195 -25.54 -9.71 -4.70
N LYS A 196 -25.53 -8.89 -5.77
CA LYS A 196 -26.08 -9.24 -7.10
C LYS A 196 -25.59 -10.57 -7.66
N ALA A 197 -24.27 -10.74 -7.69
CA ALA A 197 -23.64 -12.02 -8.07
C ALA A 197 -24.11 -13.22 -7.24
N GLY A 198 -24.94 -12.99 -6.22
CA GLY A 198 -25.46 -14.06 -5.39
C GLY A 198 -24.47 -14.55 -4.34
N LEU A 199 -23.59 -13.66 -3.86
CA LEU A 199 -22.63 -14.03 -2.79
C LEU A 199 -23.29 -14.00 -1.41
N THR A 200 -22.94 -14.93 -0.52
CA THR A 200 -23.41 -14.84 0.86
C THR A 200 -22.74 -13.61 1.50
N LEU A 201 -23.28 -13.19 2.64
CA LEU A 201 -22.66 -12.14 3.50
C LEU A 201 -21.23 -12.35 3.94
N GLN A 202 -20.91 -13.55 4.40
CA GLN A 202 -19.55 -13.85 4.77
C GLN A 202 -18.71 -13.71 3.51
N GLN A 203 -19.21 -14.25 2.42
CA GLN A 203 -18.45 -14.23 1.19
C GLN A 203 -18.20 -12.83 0.67
N GLN A 204 -19.14 -11.94 0.94
CA GLN A 204 -19.04 -10.56 0.48
C GLN A 204 -17.97 -9.81 1.25
N HIS A 205 -17.91 -10.05 2.55
CA HIS A 205 -16.89 -9.41 3.34
C HIS A 205 -15.51 -10.01 2.99
N GLN A 206 -15.45 -11.31 2.76
CA GLN A 206 -14.20 -11.93 2.32
C GLN A 206 -13.70 -11.41 0.94
N ARG A 207 -14.59 -11.23 -0.03
CA ARG A 207 -14.12 -10.75 -1.32
C ARG A 207 -13.71 -9.27 -1.23
N LEU A 208 -14.51 -8.43 -0.57
CA LEU A 208 -14.16 -7.01 -0.39
C LEU A 208 -12.79 -6.96 0.21
N ALA A 209 -12.64 -7.59 1.35
CA ALA A 209 -11.33 -7.72 1.99
C ALA A 209 -10.25 -8.08 0.97
N GLN A 210 -10.43 -9.19 0.24
CA GLN A 210 -9.43 -9.63 -0.73
C GLN A 210 -9.15 -8.50 -1.75
N LEU A 211 -10.18 -7.91 -2.31
CA LEU A 211 -9.96 -6.87 -3.32
C LEU A 211 -9.09 -5.73 -2.83
N LEU A 212 -9.42 -5.16 -1.67
CA LEU A 212 -8.69 -4.01 -1.13
C LEU A 212 -7.28 -4.31 -0.62
N LEU A 213 -7.01 -5.54 -0.22
CA LEU A 213 -5.68 -5.95 0.15
C LEU A 213 -4.79 -5.94 -1.07
N ILE A 214 -5.37 -6.14 -2.23
CA ILE A 214 -4.59 -6.13 -3.49
C ILE A 214 -4.06 -4.73 -3.79
N LEU A 215 -4.76 -3.71 -3.28
CA LEU A 215 -4.45 -2.26 -3.53
C LEU A 215 -3.24 -1.82 -2.76
N SER A 216 -2.95 -2.56 -1.72
CA SER A 216 -1.71 -2.44 -1.01
C SER A 216 -0.52 -2.90 -1.92
N HIS A 217 -0.70 -3.99 -2.65
CA HIS A 217 0.37 -4.49 -3.56
C HIS A 217 0.55 -3.55 -4.76
N ILE A 218 -0.55 -2.99 -5.24
CA ILE A 218 -0.49 -2.03 -6.30
C ILE A 218 0.22 -0.78 -5.81
N ARG A 219 0.08 -0.43 -4.54
CA ARG A 219 0.76 0.75 -4.05
C ARG A 219 2.30 0.50 -4.08
N HIS A 220 2.71 -0.67 -3.57
CA HIS A 220 4.09 -1.05 -3.54
C HIS A 220 4.64 -1.08 -4.98
N MET A 221 3.90 -1.69 -5.88
CA MET A 221 4.26 -1.64 -7.28
C MET A 221 4.49 -0.26 -7.81
N SER A 222 3.55 0.63 -7.57
CA SER A 222 3.74 2.03 -7.94
C SER A 222 4.98 2.60 -7.34
N ASN A 223 5.31 2.30 -6.09
CA ASN A 223 6.45 2.99 -5.48
C ASN A 223 7.69 2.57 -6.20
N LYS A 224 7.74 1.28 -6.52
CA LYS A 224 8.91 0.69 -7.16
C LYS A 224 9.04 1.21 -8.57
N GLY A 225 7.97 1.13 -9.35
CA GLY A 225 7.99 1.66 -10.71
C GLY A 225 8.36 3.13 -10.76
N MET A 226 8.06 3.85 -9.69
CA MET A 226 8.37 5.28 -9.62
C MET A 226 9.87 5.52 -9.48
N GLU A 227 10.54 4.69 -8.68
CA GLU A 227 11.99 4.75 -8.51
C GLU A 227 12.65 4.41 -9.83
N HIS A 228 12.15 3.34 -10.44
CA HIS A 228 12.66 2.82 -11.69
C HIS A 228 12.60 3.92 -12.72
N LEU A 229 11.46 4.58 -12.78
CA LEU A 229 11.23 5.68 -13.73
C LEU A 229 12.13 6.88 -13.41
N TYR A 230 12.47 7.08 -12.15
CA TYR A 230 13.40 8.14 -11.78
C TYR A 230 14.83 7.79 -12.15
N SER A 231 15.17 6.50 -12.13
CA SER A 231 16.54 6.07 -12.47
C SER A 231 16.81 6.13 -13.98
N MET A 232 15.78 5.91 -14.80
CA MET A 232 15.86 6.15 -16.25
C MET A 232 15.94 7.64 -16.60
N LYS A 233 15.26 8.48 -15.83
CA LYS A 233 15.29 9.93 -16.06
C LYS A 233 16.72 10.44 -15.92
N CYS A 234 17.42 9.97 -14.88
CA CYS A 234 18.81 10.35 -14.64
C CYS A 234 19.75 9.83 -15.73
N LYS A 235 19.61 8.55 -16.04
CA LYS A 235 20.44 7.84 -17.00
C LYS A 235 20.35 8.43 -18.41
N ASN A 236 19.48 9.43 -18.60
CA ASN A 236 19.21 10.06 -19.92
C ASN A 236 18.98 9.13 -21.11
N VAL A 237 18.49 7.94 -20.78
CA VAL A 237 17.92 6.99 -21.72
C VAL A 237 16.77 7.70 -22.46
N VAL A 238 15.62 7.82 -21.80
CA VAL A 238 14.41 8.32 -22.44
C VAL A 238 14.24 9.83 -22.23
N PRO A 239 13.98 10.54 -23.33
CA PRO A 239 13.35 11.86 -23.22
C PRO A 239 11.89 11.70 -22.76
N LEU A 240 11.64 11.96 -21.48
CA LEU A 240 10.29 11.93 -20.92
C LEU A 240 9.57 13.23 -21.26
N SER A 241 8.25 13.15 -21.45
CA SER A 241 7.44 14.35 -21.70
C SER A 241 7.54 15.30 -20.52
N ASP A 242 7.08 16.53 -20.72
CA ASP A 242 7.02 17.51 -19.63
C ASP A 242 6.06 17.07 -18.51
N LEU A 243 4.88 16.59 -18.90
CA LEU A 243 3.86 16.23 -17.93
C LEU A 243 4.26 15.02 -17.14
N LEU A 244 4.91 14.07 -17.78
CA LEU A 244 5.38 12.91 -17.06
C LEU A 244 6.52 13.32 -16.14
N LEU A 245 7.41 14.17 -16.61
CA LEU A 245 8.44 14.77 -15.74
C LEU A 245 7.86 15.40 -14.48
N GLU A 246 6.75 16.12 -14.61
CA GLU A 246 6.26 16.88 -13.50
C GLU A 246 5.41 15.98 -12.61
N MET A 247 4.86 14.90 -13.16
CA MET A 247 4.17 13.90 -12.31
C MET A 247 5.20 13.13 -11.54
N LEU A 248 6.33 12.87 -12.19
CA LEU A 248 7.43 12.13 -11.61
C LEU A 248 8.15 12.93 -10.54
N ASP A 249 8.30 14.22 -10.79
CA ASP A 249 8.91 15.18 -9.86
C ASP A 249 8.06 15.46 -8.60
N ALA A 250 6.79 15.05 -8.62
CA ALA A 250 5.90 15.19 -7.46
C ALA A 250 6.25 14.27 -6.28
N HIS A 251 7.04 13.22 -6.55
CA HIS A 251 7.41 12.24 -5.54
C HIS A 251 8.81 12.43 -4.91
N ARG A 252 9.54 13.45 -5.34
CA ARG A 252 10.70 13.94 -4.62
C ARG A 252 10.43 15.39 -4.21
N LEU A 253 9.31 15.61 -3.49
CA LEU A 253 8.86 16.97 -3.06
C LEU A 253 8.78 17.11 -1.52
N LEU B 10 -4.88 -25.89 14.62
CA LEU B 10 -5.04 -25.41 13.22
C LEU B 10 -5.82 -24.09 13.23
N ALA B 11 -5.22 -23.08 12.62
CA ALA B 11 -5.76 -21.73 12.64
C ALA B 11 -7.18 -21.60 12.09
N LEU B 12 -7.60 -22.57 11.27
CA LEU B 12 -8.83 -22.42 10.46
C LEU B 12 -10.14 -22.81 11.19
N SER B 13 -10.01 -23.59 12.27
CA SER B 13 -11.16 -24.05 13.05
C SER B 13 -11.46 -23.18 14.29
N LEU B 14 -10.56 -22.25 14.59
CA LEU B 14 -10.71 -21.32 15.72
C LEU B 14 -11.91 -20.39 15.53
N THR B 15 -12.62 -20.07 16.60
CA THR B 15 -13.67 -19.07 16.50
C THR B 15 -13.02 -17.70 16.46
N ALA B 16 -13.86 -16.67 16.44
CA ALA B 16 -13.39 -15.30 16.48
C ALA B 16 -12.82 -14.90 17.86
N ASP B 17 -13.48 -15.26 18.95
CA ASP B 17 -12.98 -14.91 20.29
C ASP B 17 -11.71 -15.72 20.63
N GLN B 18 -11.62 -16.93 20.07
CA GLN B 18 -10.38 -17.71 20.13
C GLN B 18 -9.27 -17.02 19.34
N MET B 19 -9.59 -16.63 18.12
CA MET B 19 -8.66 -15.91 17.26
C MET B 19 -8.12 -14.60 17.89
N VAL B 20 -9.01 -13.83 18.50
CA VAL B 20 -8.63 -12.53 19.13
C VAL B 20 -7.77 -12.74 20.39
N SER B 21 -8.12 -13.70 21.24
CA SER B 21 -7.29 -14.00 22.40
C SER B 21 -5.90 -14.44 21.98
N ALA B 22 -5.87 -15.34 21.01
CA ALA B 22 -4.63 -15.84 20.42
C ALA B 22 -3.68 -14.69 20.04
N LEU B 23 -4.22 -13.74 19.29
CA LEU B 23 -3.47 -12.55 18.88
C LEU B 23 -3.20 -11.59 20.07
N LEU B 24 -4.11 -11.48 21.01
CA LEU B 24 -3.86 -10.63 22.18
C LEU B 24 -2.74 -11.16 23.08
N ASP B 25 -2.65 -12.47 23.28
CA ASP B 25 -1.61 -13.04 24.17
C ASP B 25 -0.22 -13.12 23.50
N ALA B 26 -0.19 -13.13 22.17
CA ALA B 26 1.08 -13.11 21.40
C ALA B 26 1.73 -11.74 21.36
N GLU B 27 0.94 -10.66 21.52
CA GLU B 27 1.47 -9.29 21.49
C GLU B 27 2.85 -9.19 22.10
N PRO B 28 3.78 -8.51 21.41
CA PRO B 28 5.08 -8.21 22.01
C PRO B 28 5.04 -7.13 23.08
N PRO B 29 6.15 -6.99 23.84
CA PRO B 29 6.24 -5.93 24.83
C PRO B 29 6.54 -4.63 24.19
N ILE B 30 6.28 -3.59 24.94
CA ILE B 30 6.75 -2.29 24.59
C ILE B 30 8.14 -2.14 25.22
N LEU B 31 9.12 -1.83 24.36
CA LEU B 31 10.51 -1.69 24.76
C LEU B 31 10.85 -0.23 25.02
N TYR B 32 11.88 -0.02 25.83
CA TYR B 32 12.45 1.28 26.13
C TYR B 32 13.69 1.51 25.29
N SER B 33 13.89 2.75 24.90
CA SER B 33 15.09 3.18 24.21
C SER B 33 16.24 3.30 25.18
N GLU B 34 17.45 3.18 24.67
CA GLU B 34 18.65 3.50 25.44
C GLU B 34 18.81 4.99 25.81
N TYR B 35 17.75 5.79 25.72
CA TYR B 35 17.92 7.25 25.65
C TYR B 35 18.87 7.80 26.73
N ASP B 36 19.72 8.72 26.28
CA ASP B 36 20.75 9.36 27.11
C ASP B 36 20.56 10.89 27.08
N PRO B 37 19.55 11.42 27.83
CA PRO B 37 19.32 12.88 27.94
C PRO B 37 20.46 13.70 28.56
N THR B 38 21.50 13.05 29.06
CA THR B 38 22.74 13.77 29.40
C THR B 38 23.50 14.09 28.10
N ARG B 39 23.14 13.38 27.03
CA ARG B 39 23.61 13.62 25.67
C ARG B 39 22.69 14.61 24.95
N PRO B 40 23.27 15.55 24.19
CA PRO B 40 22.49 16.27 23.17
C PRO B 40 21.93 15.34 22.08
N PHE B 41 21.41 15.95 21.01
CA PHE B 41 20.85 15.22 19.88
C PHE B 41 21.57 15.62 18.60
N SER B 42 21.79 14.62 17.74
CA SER B 42 22.26 14.84 16.37
C SER B 42 21.55 13.88 15.42
N GLU B 43 21.64 14.12 14.12
CA GLU B 43 21.16 13.13 13.17
C GLU B 43 21.64 11.73 13.61
N ALA B 44 22.92 11.66 13.96
CA ALA B 44 23.61 10.42 14.33
C ALA B 44 23.14 9.77 15.63
N SER B 45 23.08 10.54 16.72
CA SER B 45 22.59 9.99 17.99
C SER B 45 21.10 9.69 17.87
N MET B 46 20.33 10.63 17.31
CA MET B 46 18.97 10.37 16.95
C MET B 46 18.84 9.02 16.25
N MET B 47 19.64 8.78 15.21
CA MET B 47 19.43 7.60 14.38
C MET B 47 19.98 6.35 15.05
N GLY B 48 20.99 6.54 15.89
CA GLY B 48 21.51 5.41 16.61
C GLY B 48 20.44 4.92 17.57
N LEU B 49 19.77 5.85 18.24
CA LEU B 49 18.75 5.47 19.17
C LEU B 49 17.58 4.73 18.50
N LEU B 50 17.12 5.19 17.34
CA LEU B 50 15.97 4.56 16.69
C LEU B 50 16.28 3.20 16.08
N THR B 51 17.50 3.03 15.55
CA THR B 51 17.94 1.74 14.91
C THR B 51 18.37 0.70 15.93
N ASN B 52 18.80 1.15 17.10
CA ASN B 52 18.99 0.25 18.22
C ASN B 52 17.65 -0.35 18.60
N LEU B 53 16.71 0.57 18.82
CA LEU B 53 15.31 0.25 19.15
C LEU B 53 14.67 -0.67 18.12
N ALA B 54 14.81 -0.35 16.85
CA ALA B 54 14.22 -1.18 15.83
C ALA B 54 14.77 -2.60 15.89
N ASP B 55 16.08 -2.70 16.11
CA ASP B 55 16.77 -3.96 16.11
C ASP B 55 16.26 -4.86 17.23
N ARG B 56 16.02 -4.27 18.39
CA ARG B 56 15.52 -5.03 19.51
C ARG B 56 14.06 -5.36 19.25
N GLU B 57 13.32 -4.39 18.73
CA GLU B 57 11.92 -4.63 18.41
C GLU B 57 11.81 -5.75 17.40
N LEU B 58 12.78 -5.87 16.49
CA LEU B 58 12.80 -6.97 15.53
C LEU B 58 12.82 -8.38 16.11
N VAL B 59 13.66 -8.59 17.09
CA VAL B 59 13.78 -9.90 17.68
C VAL B 59 12.44 -10.39 18.28
N HIS B 60 11.70 -9.45 18.82
CA HIS B 60 10.49 -9.79 19.51
C HIS B 60 9.47 -10.12 18.46
N MET B 61 9.47 -9.29 17.42
CA MET B 61 8.59 -9.48 16.29
C MET B 61 8.73 -10.89 15.77
N ILE B 62 9.94 -11.38 15.59
CA ILE B 62 10.17 -12.67 14.99
C ILE B 62 9.41 -13.72 15.81
N ASN B 63 9.59 -13.62 17.12
CA ASN B 63 8.81 -14.43 18.06
C ASN B 63 7.31 -14.14 18.11
N TRP B 64 6.90 -12.88 18.00
CA TRP B 64 5.45 -12.60 17.90
C TRP B 64 4.86 -13.28 16.67
N ALA B 65 5.50 -13.07 15.53
CA ALA B 65 5.10 -13.71 14.28
C ALA B 65 4.85 -15.22 14.50
N LYS B 66 5.77 -15.93 15.16
CA LYS B 66 5.66 -17.43 15.27
C LYS B 66 4.39 -17.87 16.03
N ARG B 67 3.81 -16.96 16.82
CA ARG B 67 2.55 -17.20 17.55
C ARG B 67 1.33 -16.66 16.79
N VAL B 68 1.49 -16.37 15.49
CA VAL B 68 0.39 -15.88 14.68
C VAL B 68 -0.27 -17.11 14.09
N PRO B 69 -1.56 -17.31 14.38
CA PRO B 69 -2.09 -18.62 13.98
C PRO B 69 -1.89 -18.87 12.49
N GLY B 70 -1.40 -20.07 12.17
CA GLY B 70 -1.11 -20.44 10.78
C GLY B 70 0.29 -20.08 10.33
N PHE B 71 0.90 -19.06 10.96
CA PHE B 71 2.23 -18.67 10.51
C PHE B 71 3.24 -19.86 10.56
N VAL B 72 3.42 -20.54 11.68
CA VAL B 72 4.35 -21.73 11.70
C VAL B 72 3.98 -22.88 10.71
N ASP B 73 2.75 -22.88 10.22
CA ASP B 73 2.34 -23.81 9.17
C ASP B 73 3.19 -23.65 7.90
N LEU B 74 3.47 -22.40 7.53
CA LEU B 74 4.27 -22.06 6.33
C LEU B 74 5.70 -22.61 6.41
N THR B 75 6.32 -22.87 5.25
CA THR B 75 7.74 -23.26 5.18
C THR B 75 8.62 -22.06 5.62
N LEU B 76 9.82 -22.34 6.14
CA LEU B 76 10.72 -21.27 6.61
C LEU B 76 11.07 -20.26 5.53
N HIS B 77 11.16 -20.71 4.28
CA HIS B 77 11.47 -19.83 3.18
C HIS B 77 10.34 -18.85 3.06
N ASP B 78 9.10 -19.34 3.15
CA ASP B 78 7.94 -18.45 3.08
C ASP B 78 7.87 -17.47 4.29
N GLN B 79 8.26 -17.91 5.48
CA GLN B 79 8.21 -17.17 6.69
C GLN B 79 9.26 -16.10 6.66
N VAL B 80 10.48 -16.52 6.31
CA VAL B 80 11.53 -15.53 6.13
C VAL B 80 11.06 -14.46 5.16
N HIS B 81 10.63 -14.91 3.97
CA HIS B 81 10.09 -13.99 2.97
C HIS B 81 8.99 -12.98 3.45
N LEU B 82 7.99 -13.43 4.21
CA LEU B 82 6.91 -12.57 4.68
C LEU B 82 7.42 -11.46 5.63
N LEU B 83 8.34 -11.86 6.51
CA LEU B 83 8.95 -10.98 7.49
C LEU B 83 9.88 -9.99 6.80
N GLU B 84 10.69 -10.52 5.87
CA GLU B 84 11.50 -9.68 4.96
C GLU B 84 10.64 -8.62 4.31
N CYS B 85 9.43 -8.96 3.85
CA CYS B 85 8.57 -7.97 3.20
C CYS B 85 7.96 -6.95 4.20
N ALA B 86 7.50 -7.43 5.36
CA ALA B 86 6.60 -6.72 6.23
C ALA B 86 7.15 -6.02 7.48
N TRP B 87 8.42 -6.20 7.81
CA TRP B 87 8.97 -5.85 9.11
C TRP B 87 8.81 -4.35 9.42
N LEU B 88 9.01 -3.49 8.43
CA LEU B 88 8.95 -2.07 8.76
C LEU B 88 7.52 -1.59 8.87
N GLU B 89 6.58 -2.19 8.17
CA GLU B 89 5.17 -1.82 8.30
C GLU B 89 4.70 -2.19 9.68
N ILE B 90 5.08 -3.41 10.04
CA ILE B 90 4.78 -3.94 11.34
C ILE B 90 5.33 -3.06 12.44
N LEU B 91 6.55 -2.53 12.30
CA LEU B 91 7.09 -1.60 13.30
C LEU B 91 6.31 -0.25 13.21
N MET B 92 6.09 0.22 12.00
CA MET B 92 5.32 1.44 11.82
C MET B 92 3.86 1.40 12.34
N ILE B 93 3.15 0.28 12.23
CA ILE B 93 1.77 0.23 12.70
C ILE B 93 1.77 0.09 14.19
N GLY B 94 2.79 -0.59 14.74
CA GLY B 94 2.95 -0.61 16.20
C GLY B 94 3.08 0.81 16.71
N LEU B 95 4.00 1.56 16.11
CA LEU B 95 4.31 2.94 16.50
C LEU B 95 3.11 3.86 16.47
N VAL B 96 2.38 3.75 15.36
CA VAL B 96 1.27 4.66 15.14
C VAL B 96 0.18 4.31 16.18
N TRP B 97 0.04 3.02 16.46
CA TRP B 97 -0.85 2.55 17.50
C TRP B 97 -0.48 3.17 18.82
N ARG B 98 0.78 3.04 19.24
CA ARG B 98 1.22 3.62 20.54
C ARG B 98 1.14 5.13 20.62
N SER B 99 1.27 5.81 19.49
CA SER B 99 1.23 7.26 19.50
C SER B 99 -0.21 7.76 19.55
N MET B 100 -1.16 6.84 19.34
CA MET B 100 -2.56 7.21 19.18
C MET B 100 -2.94 8.29 20.14
N GLU B 101 -2.64 8.08 21.40
CA GLU B 101 -3.06 8.98 22.50
C GLU B 101 -2.08 10.12 22.83
N HIS B 102 -1.10 10.38 21.98
CA HIS B 102 -0.19 11.52 22.13
C HIS B 102 -0.22 12.31 20.80
N PRO B 103 -1.16 13.27 20.70
CA PRO B 103 -1.31 13.89 19.40
C PRO B 103 -0.11 14.83 19.14
N GLY B 104 0.56 14.59 18.01
CA GLY B 104 1.59 15.48 17.49
C GLY B 104 2.96 15.03 17.90
N LYS B 105 3.01 13.88 18.56
CA LYS B 105 4.25 13.25 18.94
C LYS B 105 4.21 11.81 18.52
N LEU B 106 5.39 11.25 18.35
CA LEU B 106 5.55 9.84 18.12
C LEU B 106 6.27 9.19 19.30
N LEU B 107 5.55 8.28 19.95
CA LEU B 107 6.08 7.48 21.06
C LEU B 107 6.82 6.23 20.47
N PHE B 108 8.09 6.45 20.11
CA PHE B 108 9.01 5.39 19.76
C PHE B 108 9.21 4.40 20.88
N ALA B 109 9.27 4.96 22.10
CA ALA B 109 9.41 4.18 23.32
C ALA B 109 8.94 5.10 24.42
N PRO B 110 8.51 4.55 25.56
CA PRO B 110 8.02 5.44 26.64
C PRO B 110 9.00 6.51 27.11
N ASN B 111 10.29 6.25 26.93
CA ASN B 111 11.35 7.19 27.23
C ASN B 111 11.91 7.85 25.95
N LEU B 112 11.19 7.73 24.83
CA LEU B 112 11.58 8.37 23.58
C LEU B 112 10.32 8.80 22.85
N LEU B 113 9.85 9.98 23.17
CA LEU B 113 8.59 10.48 22.67
C LEU B 113 8.92 11.72 21.85
N LEU B 114 8.83 11.65 20.54
CA LEU B 114 9.37 12.74 19.71
C LEU B 114 8.30 13.53 19.00
N ASP B 115 8.47 14.84 18.95
CA ASP B 115 7.60 15.65 18.09
C ASP B 115 8.32 15.90 16.77
N ARG B 116 7.69 16.64 15.86
CA ARG B 116 8.19 16.69 14.49
C ARG B 116 9.41 17.59 14.37
N ASN B 117 9.47 18.64 15.19
CA ASN B 117 10.65 19.48 15.25
C ASN B 117 11.86 18.67 15.65
N GLN B 118 11.67 17.57 16.35
CA GLN B 118 12.77 16.69 16.69
C GLN B 118 13.16 15.87 15.46
N GLY B 119 12.20 15.69 14.56
CA GLY B 119 12.46 15.12 13.23
C GLY B 119 13.53 15.88 12.45
N LYS B 120 13.42 17.21 12.39
CA LYS B 120 14.43 18.06 11.75
C LYS B 120 15.86 17.52 11.83
N CYS B 121 16.24 16.96 12.97
CA CYS B 121 17.61 16.50 13.17
C CYS B 121 18.10 15.65 12.04
N VAL B 122 17.23 14.78 11.55
CA VAL B 122 17.57 13.77 10.57
C VAL B 122 17.11 14.17 9.18
N GLU B 123 18.06 14.35 8.27
CA GLU B 123 17.75 14.62 6.85
C GLU B 123 16.82 13.53 6.31
N GLY B 124 15.66 13.96 5.83
CA GLY B 124 14.74 13.09 5.13
C GLY B 124 13.59 12.57 5.96
N MET B 125 13.59 12.90 7.25
CA MET B 125 12.73 12.25 8.22
C MET B 125 11.41 12.95 8.36
N VAL B 126 11.40 14.27 8.22
CA VAL B 126 10.20 15.07 8.49
C VAL B 126 9.04 14.69 7.58
N GLU B 127 9.37 14.31 6.35
CA GLU B 127 8.39 13.74 5.43
C GLU B 127 7.73 12.52 6.04
N ILE B 128 8.54 11.64 6.61
CA ILE B 128 8.05 10.33 7.05
C ILE B 128 7.31 10.43 8.36
N PHE B 129 7.92 11.13 9.28
CA PHE B 129 7.29 11.53 10.52
C PHE B 129 5.90 12.08 10.23
N ASP B 130 5.81 13.03 9.31
CA ASP B 130 4.52 13.63 9.02
C ASP B 130 3.47 12.65 8.61
N MET B 131 3.87 11.66 7.83
CA MET B 131 2.96 10.60 7.44
C MET B 131 2.53 9.82 8.67
N LEU B 132 3.51 9.50 9.52
CA LEU B 132 3.25 8.65 10.65
C LEU B 132 2.28 9.33 11.59
N LEU B 133 2.39 10.66 11.76
CA LEU B 133 1.44 11.40 12.60
C LEU B 133 0.04 11.40 11.98
N ALA B 134 -0.06 11.78 10.71
CA ALA B 134 -1.29 11.68 9.95
C ALA B 134 -2.08 10.38 10.26
N THR B 135 -1.43 9.21 10.10
CA THR B 135 -2.04 7.88 10.33
C THR B 135 -2.47 7.69 11.75
N SER B 136 -1.63 8.11 12.69
CA SER B 136 -2.03 8.09 14.09
C SER B 136 -3.33 8.87 14.26
N SER B 137 -3.38 10.08 13.72
CA SER B 137 -4.58 10.89 13.80
C SER B 137 -5.81 10.14 13.30
N ARG B 138 -5.62 9.43 12.20
CA ARG B 138 -6.70 8.73 11.54
C ARG B 138 -7.20 7.60 12.43
N PHE B 139 -6.27 6.88 13.02
CA PHE B 139 -6.59 5.85 13.97
C PHE B 139 -7.41 6.40 15.11
N ARG B 140 -7.01 7.57 15.60
CA ARG B 140 -7.64 8.20 16.75
C ARG B 140 -9.04 8.72 16.42
N MET B 141 -9.21 9.17 15.20
CA MET B 141 -10.48 9.65 14.67
C MET B 141 -11.46 8.48 14.36
N MET B 142 -10.93 7.33 13.95
CA MET B 142 -11.71 6.09 13.85
C MET B 142 -11.88 5.37 15.18
N ASN B 143 -11.37 5.94 16.27
CA ASN B 143 -11.43 5.24 17.54
C ASN B 143 -11.03 3.76 17.37
N LEU B 144 -9.94 3.50 16.63
CA LEU B 144 -9.43 2.14 16.44
C LEU B 144 -9.20 1.44 17.76
N GLN B 145 -9.56 0.16 17.82
CA GLN B 145 -9.57 -0.63 19.07
C GLN B 145 -8.42 -1.63 19.14
N GLY B 146 -7.95 -1.90 20.36
CA GLY B 146 -6.90 -2.87 20.56
C GLY B 146 -7.11 -4.16 19.80
N GLU B 147 -8.34 -4.63 19.80
CA GLU B 147 -8.69 -5.88 19.20
C GLU B 147 -8.58 -5.77 17.70
N GLU B 148 -8.94 -4.62 17.15
CA GLU B 148 -8.85 -4.40 15.71
C GLU B 148 -7.41 -4.23 15.29
N PHE B 149 -6.59 -3.63 16.15
CA PHE B 149 -5.17 -3.41 15.84
C PHE B 149 -4.42 -4.70 15.63
N VAL B 150 -4.55 -5.61 16.58
CA VAL B 150 -3.88 -6.90 16.47
C VAL B 150 -4.22 -7.63 15.18
N CYS B 151 -5.49 -7.62 14.78
CA CYS B 151 -5.88 -8.18 13.46
C CYS B 151 -5.25 -7.48 12.28
N LEU B 152 -5.25 -6.15 12.34
CA LEU B 152 -4.67 -5.38 11.25
C LEU B 152 -3.22 -5.75 11.12
N LYS B 153 -2.55 -5.95 12.26
CA LYS B 153 -1.12 -6.25 12.26
C LYS B 153 -0.86 -7.60 11.64
N SER B 154 -1.62 -8.60 12.03
CA SER B 154 -1.50 -9.91 11.42
C SER B 154 -1.88 -9.90 9.97
N ILE B 155 -2.74 -8.97 9.54
CA ILE B 155 -3.11 -8.98 8.13
C ILE B 155 -1.88 -8.54 7.34
N ILE B 156 -1.12 -7.61 7.93
CA ILE B 156 0.07 -7.03 7.27
C ILE B 156 1.14 -8.12 7.10
N LEU B 157 1.33 -8.97 8.10
CA LEU B 157 2.34 -10.00 8.03
C LEU B 157 2.05 -11.07 6.94
N LEU B 158 0.80 -11.51 6.85
CA LEU B 158 0.39 -12.55 5.91
C LEU B 158 0.19 -12.03 4.47
N ASN B 159 -0.20 -10.76 4.34
CA ASN B 159 -0.48 -10.19 3.03
C ASN B 159 0.70 -9.57 2.26
N SER B 160 1.58 -8.89 2.97
CA SER B 160 2.47 -7.93 2.32
C SER B 160 3.45 -8.66 1.46
N GLY B 161 3.85 -9.83 1.91
CA GLY B 161 4.70 -10.69 1.09
C GLY B 161 3.99 -11.64 0.15
N VAL B 162 2.70 -11.85 0.31
CA VAL B 162 2.03 -12.98 -0.35
C VAL B 162 2.12 -13.00 -1.89
N TYR B 163 2.04 -11.81 -2.52
CA TYR B 163 1.99 -11.74 -4.01
C TYR B 163 3.35 -12.03 -4.66
N THR B 164 4.42 -11.97 -3.86
CA THR B 164 5.79 -12.14 -4.32
C THR B 164 6.34 -13.55 -4.02
N PHE B 165 5.54 -14.59 -4.33
CA PHE B 165 5.96 -16.00 -4.19
C PHE B 165 6.42 -16.50 -5.57
N THR B 169 7.12 -25.29 -6.99
CA THR B 169 6.16 -25.45 -8.08
C THR B 169 4.75 -25.69 -7.55
N LEU B 170 4.56 -26.83 -6.88
CA LEU B 170 3.25 -27.26 -6.38
C LEU B 170 2.97 -26.79 -4.94
N LYS B 171 3.89 -27.09 -4.02
CA LYS B 171 3.78 -26.66 -2.61
C LYS B 171 3.76 -25.12 -2.53
N SER B 172 4.55 -24.49 -3.40
CA SER B 172 4.54 -23.05 -3.70
C SER B 172 3.15 -22.39 -3.77
N LEU B 173 2.24 -23.07 -4.47
CA LEU B 173 0.89 -22.56 -4.80
C LEU B 173 -0.15 -22.99 -3.75
N GLU B 174 0.17 -24.02 -2.97
CA GLU B 174 -0.72 -24.51 -1.91
C GLU B 174 -0.43 -23.83 -0.57
N GLU B 175 0.68 -23.11 -0.50
CA GLU B 175 0.99 -22.16 0.60
C GLU B 175 0.25 -20.83 0.43
N LYS B 176 -0.07 -20.51 -0.83
CA LYS B 176 -0.86 -19.34 -1.23
C LYS B 176 -2.30 -19.54 -0.76
N ASP B 177 -2.92 -20.63 -1.21
CA ASP B 177 -4.28 -21.00 -0.78
C ASP B 177 -4.36 -20.87 0.73
N HIS B 178 -3.33 -21.36 1.40
CA HIS B 178 -3.30 -21.42 2.86
C HIS B 178 -3.28 -20.07 3.55
N ILE B 179 -2.42 -19.17 3.09
CA ILE B 179 -2.39 -17.79 3.59
C ILE B 179 -3.71 -17.10 3.35
N HIS B 180 -4.31 -17.39 2.21
CA HIS B 180 -5.55 -16.74 1.84
C HIS B 180 -6.69 -17.15 2.73
N ARG B 181 -6.80 -18.45 2.97
CA ARG B 181 -7.69 -19.00 4.01
C ARG B 181 -7.51 -18.44 5.42
N VAL B 182 -6.29 -18.28 5.90
CA VAL B 182 -6.07 -17.64 7.20
C VAL B 182 -6.50 -16.14 7.20
N LEU B 183 -6.20 -15.45 6.11
CA LEU B 183 -6.60 -14.06 5.95
C LEU B 183 -8.14 -13.93 5.85
N ASP B 184 -8.81 -14.97 5.33
CA ASP B 184 -10.28 -14.99 5.30
C ASP B 184 -10.84 -15.09 6.71
N LYS B 185 -10.18 -15.84 7.60
CA LYS B 185 -10.56 -15.83 9.02
C LYS B 185 -10.41 -14.47 9.72
N ILE B 186 -9.31 -13.77 9.45
CA ILE B 186 -9.07 -12.54 10.18
C ILE B 186 -10.11 -11.48 9.78
N THR B 187 -10.52 -11.54 8.52
CA THR B 187 -11.63 -10.74 8.06
C THR B 187 -12.85 -11.16 8.86
N ASP B 188 -13.14 -12.45 8.94
CA ASP B 188 -14.31 -12.87 9.74
C ASP B 188 -14.19 -12.27 11.17
N THR B 189 -13.04 -12.46 11.79
CA THR B 189 -12.79 -11.93 13.13
C THR B 189 -13.02 -10.43 13.17
N LEU B 190 -12.55 -9.71 12.18
CA LEU B 190 -12.79 -8.28 12.14
C LEU B 190 -14.28 -7.93 12.22
N ILE B 191 -15.08 -8.51 11.34
CA ILE B 191 -16.49 -8.20 11.24
C ILE B 191 -17.24 -8.57 12.53
N HIS B 192 -16.92 -9.75 13.05
CA HIS B 192 -17.54 -10.23 14.24
C HIS B 192 -17.23 -9.30 15.38
N LEU B 193 -16.03 -8.82 15.48
CA LEU B 193 -15.72 -7.75 16.46
C LEU B 193 -16.62 -6.53 16.26
N MET B 194 -16.83 -6.13 15.00
CA MET B 194 -17.66 -4.96 14.68
C MET B 194 -19.16 -5.20 14.89
N ALA B 195 -19.57 -6.46 14.82
CA ALA B 195 -20.94 -6.87 15.12
C ALA B 195 -21.12 -6.82 16.61
N LYS B 196 -20.14 -7.38 17.33
CA LYS B 196 -20.16 -7.41 18.79
C LYS B 196 -20.26 -6.00 19.36
N ALA B 197 -19.62 -5.02 18.71
CA ALA B 197 -19.68 -3.62 19.15
C ALA B 197 -20.98 -2.86 18.79
N GLY B 198 -21.88 -3.50 18.03
CA GLY B 198 -23.15 -2.89 17.64
C GLY B 198 -23.10 -1.97 16.43
N LEU B 199 -22.18 -2.22 15.50
CA LEU B 199 -22.20 -1.45 14.26
C LEU B 199 -23.25 -2.07 13.33
N THR B 200 -24.01 -1.25 12.60
CA THR B 200 -24.95 -1.79 11.59
C THR B 200 -24.18 -2.49 10.48
N LEU B 201 -24.87 -3.32 9.70
CA LEU B 201 -24.24 -4.20 8.72
C LEU B 201 -23.54 -3.40 7.62
N GLN B 202 -24.17 -2.31 7.23
CA GLN B 202 -23.60 -1.30 6.35
C GLN B 202 -22.40 -0.64 6.99
N GLN B 203 -22.45 -0.36 8.29
CA GLN B 203 -21.27 0.17 9.02
C GLN B 203 -20.18 -0.86 9.19
N GLN B 204 -20.54 -2.14 9.19
CA GLN B 204 -19.52 -3.18 9.25
C GLN B 204 -18.66 -3.14 8.01
N HIS B 205 -19.25 -3.17 6.83
CA HIS B 205 -18.43 -3.15 5.63
C HIS B 205 -17.71 -1.83 5.38
N GLN B 206 -18.30 -0.73 5.81
CA GLN B 206 -17.68 0.58 5.64
C GLN B 206 -16.46 0.78 6.50
N ARG B 207 -16.57 0.41 7.77
CA ARG B 207 -15.41 0.47 8.64
C ARG B 207 -14.33 -0.50 8.15
N LEU B 208 -14.72 -1.73 7.86
CA LEU B 208 -13.79 -2.74 7.39
C LEU B 208 -12.97 -2.23 6.23
N ALA B 209 -13.61 -1.59 5.26
CA ALA B 209 -12.90 -1.04 4.12
C ALA B 209 -11.94 0.05 4.55
N GLN B 210 -12.34 0.84 5.54
CA GLN B 210 -11.51 2.00 5.93
C GLN B 210 -10.24 1.50 6.61
N LEU B 211 -10.33 0.50 7.46
CA LEU B 211 -9.10 0.04 8.12
C LEU B 211 -8.18 -0.57 7.09
N LEU B 212 -8.75 -1.30 6.13
CA LEU B 212 -7.95 -1.91 5.06
C LEU B 212 -7.34 -0.89 4.09
N LEU B 213 -8.01 0.22 3.84
CA LEU B 213 -7.48 1.23 2.95
C LEU B 213 -6.30 1.96 3.57
N ILE B 214 -6.30 2.05 4.88
CA ILE B 214 -5.14 2.53 5.61
C ILE B 214 -3.89 1.63 5.43
N LEU B 215 -4.06 0.33 5.20
CA LEU B 215 -2.91 -0.58 4.99
C LEU B 215 -2.17 -0.20 3.74
N SER B 216 -2.84 0.45 2.82
CA SER B 216 -2.25 0.78 1.57
C SER B 216 -1.34 1.91 1.93
N HIS B 217 -1.77 2.74 2.86
CA HIS B 217 -1.00 3.92 3.18
C HIS B 217 0.18 3.56 4.08
N ILE B 218 -0.01 2.61 4.97
CA ILE B 218 1.13 2.11 5.69
C ILE B 218 2.21 1.49 4.77
N ARG B 219 1.82 0.89 3.67
CA ARG B 219 2.82 0.27 2.79
C ARG B 219 3.67 1.37 2.14
N HIS B 220 3.00 2.45 1.78
CA HIS B 220 3.68 3.58 1.18
C HIS B 220 4.72 4.13 2.17
N MET B 221 4.36 4.20 3.45
CA MET B 221 5.30 4.67 4.49
C MET B 221 6.52 3.76 4.71
N SER B 222 6.29 2.46 4.62
CA SER B 222 7.34 1.49 4.76
C SER B 222 8.31 1.63 3.59
N ASN B 223 7.79 1.76 2.39
CA ASN B 223 8.61 1.93 1.19
C ASN B 223 9.48 3.20 1.25
N LYS B 224 8.90 4.29 1.74
CA LYS B 224 9.66 5.51 1.93
C LYS B 224 10.69 5.39 3.06
N GLY B 225 10.31 4.84 4.19
CA GLY B 225 11.24 4.68 5.30
C GLY B 225 12.38 3.74 5.02
N MET B 226 12.11 2.70 4.26
CA MET B 226 13.12 1.81 3.74
C MET B 226 14.11 2.58 2.87
N GLU B 227 13.62 3.35 1.91
CA GLU B 227 14.53 4.20 1.13
C GLU B 227 15.28 5.15 2.06
N HIS B 228 14.57 5.73 3.04
CA HIS B 228 15.21 6.70 3.93
C HIS B 228 16.34 6.10 4.72
N LEU B 229 16.07 4.96 5.36
CA LEU B 229 17.10 4.19 6.06
C LEU B 229 18.27 3.87 5.18
N TYR B 230 17.99 3.52 3.93
CA TYR B 230 19.05 3.16 2.97
C TYR B 230 19.99 4.34 2.70
N SER B 231 19.46 5.55 2.57
CA SER B 231 20.31 6.75 2.46
C SER B 231 21.19 6.82 3.69
N MET B 232 20.59 6.90 4.87
CA MET B 232 21.33 6.86 6.13
C MET B 232 22.49 5.86 6.07
N LYS B 233 22.22 4.64 5.64
CA LYS B 233 23.22 3.57 5.60
C LYS B 233 24.34 3.89 4.63
N CYS B 234 23.94 4.22 3.41
CA CYS B 234 24.87 4.59 2.35
C CYS B 234 25.64 5.88 2.64
N LYS B 235 25.14 6.69 3.55
CA LYS B 235 25.84 7.90 4.01
C LYS B 235 26.62 7.69 5.32
N ASN B 236 26.70 6.45 5.79
CA ASN B 236 27.50 6.12 6.96
C ASN B 236 27.13 6.93 8.18
N VAL B 237 25.85 7.25 8.30
CA VAL B 237 25.36 8.06 9.39
C VAL B 237 25.30 7.28 10.71
N VAL B 238 24.94 6.01 10.62
CA VAL B 238 24.71 5.18 11.79
C VAL B 238 25.09 3.72 11.50
N PRO B 239 25.74 3.05 12.46
CA PRO B 239 26.03 1.66 12.13
C PRO B 239 24.75 0.85 12.32
N LEU B 240 24.55 -0.15 11.46
CA LEU B 240 23.33 -0.96 11.44
C LEU B 240 23.63 -2.39 11.88
N SER B 241 22.79 -2.95 12.75
CA SER B 241 22.94 -4.35 13.12
C SER B 241 22.76 -5.25 11.91
N ASP B 242 23.51 -6.35 11.88
CA ASP B 242 23.52 -7.27 10.76
C ASP B 242 22.10 -7.70 10.44
N LEU B 243 21.28 -7.83 11.47
CA LEU B 243 19.89 -8.14 11.25
C LEU B 243 19.22 -7.01 10.45
N LEU B 244 19.32 -5.75 10.88
CA LEU B 244 18.69 -4.63 10.14
C LEU B 244 19.25 -4.50 8.74
N LEU B 245 20.56 -4.65 8.65
CA LEU B 245 21.25 -4.79 7.39
C LEU B 245 20.66 -5.86 6.48
N GLU B 246 20.44 -7.05 7.01
CA GLU B 246 19.83 -8.09 6.20
C GLU B 246 18.42 -7.70 5.78
N MET B 247 17.63 -7.16 6.72
CA MET B 247 16.26 -6.77 6.42
C MET B 247 16.30 -5.78 5.27
N LEU B 248 17.22 -4.84 5.37
CA LEU B 248 17.34 -3.76 4.39
C LEU B 248 17.80 -4.30 3.03
N ASP B 249 18.81 -5.15 3.02
CA ASP B 249 19.25 -5.77 1.78
C ASP B 249 18.19 -6.63 1.11
N ALA B 250 17.14 -7.03 1.85
CA ALA B 250 16.01 -7.80 1.27
C ALA B 250 15.34 -7.06 0.10
N HIS B 251 15.14 -5.76 0.31
CA HIS B 251 14.40 -4.90 -0.61
C HIS B 251 15.26 -4.25 -1.69
N ARG B 252 16.46 -4.78 -1.95
CA ARG B 252 17.31 -4.28 -3.05
C ARG B 252 16.78 -2.90 -3.56
N LEU B 253 17.01 -1.86 -2.75
CA LEU B 253 16.84 -0.47 -3.20
C LEU B 253 18.20 -0.05 -3.76
N HIS B 254 18.31 1.14 -4.37
CA HIS B 254 19.57 1.58 -5.02
C HIS B 254 19.85 3.10 -4.90
N LYS C 3 2.80 22.68 -13.19
CA LYS C 3 1.67 23.57 -13.54
C LYS C 3 0.85 23.05 -14.72
N ILE C 4 1.33 21.99 -15.40
CA ILE C 4 0.63 21.42 -16.56
C ILE C 4 -0.59 20.66 -16.11
N LEU C 5 -0.43 19.95 -15.01
CA LEU C 5 -1.50 19.15 -14.46
C LEU C 5 -2.57 20.13 -14.03
N HIS C 6 -2.11 21.14 -13.30
CA HIS C 6 -2.95 22.23 -12.87
C HIS C 6 -3.78 22.70 -14.06
N ARG C 7 -3.09 23.08 -15.13
CA ARG C 7 -3.74 23.62 -16.31
C ARG C 7 -4.75 22.63 -16.91
N LEU C 8 -4.31 21.39 -17.10
CA LEU C 8 -5.16 20.31 -17.65
C LEU C 8 -6.45 20.06 -16.84
N LEU C 9 -6.45 20.33 -15.55
CA LEU C 9 -7.65 20.12 -14.73
C LEU C 9 -8.69 21.25 -14.93
N GLN C 10 -8.20 22.42 -15.34
CA GLN C 10 -9.04 23.58 -15.62
C GLN C 10 -9.77 23.51 -16.97
N ASP C 11 -9.05 23.12 -18.02
CA ASP C 11 -9.57 23.12 -19.40
C ASP C 11 -11.08 22.92 -19.50
N LYS D 1 23.57 -19.56 2.48
CA LYS D 1 24.02 -18.37 3.27
C LYS D 1 23.27 -18.25 4.61
N HIS D 2 24.01 -18.43 5.70
CA HIS D 2 23.44 -18.39 7.03
C HIS D 2 22.95 -16.94 7.33
N LYS D 3 21.66 -16.73 7.10
CA LYS D 3 21.05 -15.47 7.38
C LYS D 3 20.54 -15.50 8.82
N ILE D 4 20.56 -14.34 9.45
CA ILE D 4 20.16 -14.24 10.85
C ILE D 4 18.65 -14.37 11.01
N LEU D 5 17.87 -13.95 10.01
CA LEU D 5 16.44 -14.07 10.16
C LEU D 5 16.19 -15.54 10.21
N HIS D 6 16.72 -16.25 9.21
CA HIS D 6 16.71 -17.71 9.12
C HIS D 6 16.98 -18.34 10.47
N ARG D 7 18.03 -17.88 11.14
CA ARG D 7 18.48 -18.56 12.34
C ARG D 7 17.54 -18.40 13.50
N LEU D 8 17.07 -17.18 13.68
CA LEU D 8 16.22 -16.79 14.77
C LEU D 8 14.84 -17.37 14.59
N LEU D 9 14.44 -17.65 13.35
CA LEU D 9 13.15 -18.28 13.14
C LEU D 9 13.18 -19.76 13.57
N GLN D 10 14.33 -20.23 14.03
CA GLN D 10 14.48 -21.58 14.62
C GLN D 10 14.55 -21.61 16.16
N ASP D 11 14.86 -20.48 16.79
CA ASP D 11 15.04 -20.42 18.24
C ASP D 11 13.74 -20.13 18.99
OAC KN2 E . 7.63 2.23 -18.40
CAN KN2 E . 7.16 1.85 -17.18
CAH KN2 E . 8.14 1.55 -16.22
CAL KN2 E . 7.77 1.16 -14.94
OAA KN2 E . 8.74 0.84 -14.02
CAD KN2 E . 6.42 1.08 -14.62
CAE KN2 E . 5.42 1.41 -15.56
CAO KN2 E . 5.78 1.81 -16.85
CAP KN2 E . 4.83 2.12 -17.81
CAR KN2 E . 3.45 1.87 -17.82
CAG KN2 E . 2.51 1.32 -16.97
CAF KN2 E . 1.17 1.23 -17.34
CAM KN2 E . 0.75 1.72 -18.58
OAB KN2 E . -0.57 1.68 -18.95
CAI KN2 E . 1.68 2.27 -19.45
CAQ KN2 E . 3.01 2.33 -19.06
N1K KN2 E . 4.09 2.83 -19.69
N1J KN2 E . 5.10 2.69 -18.98
OAC KN2 F . 14.63 4.99 11.88
CAN KN2 F . 13.50 5.01 11.16
CAH KN2 F . 13.56 5.77 10.01
CAL KN2 F . 12.46 5.85 9.20
OAA KN2 F . 12.55 6.60 8.05
CAD KN2 F . 11.31 5.17 9.56
CAE KN2 F . 11.22 4.43 10.71
CAO KN2 F . 12.34 4.31 11.54
CAP KN2 F . 12.30 3.62 12.76
CAR KN2 F . 11.23 3.10 13.47
CAG KN2 F . 9.84 2.93 13.31
CAF KN2 F . 9.08 2.29 14.30
CAM KN2 F . 9.71 1.81 15.46
OAB KN2 F . 9.04 1.19 16.46
CAI KN2 F . 11.07 1.98 15.63
CAQ KN2 F . 11.80 2.64 14.65
N1K KN2 F . 13.08 2.91 14.59
N1J KN2 F . 13.36 3.46 13.54
#